data_5XCB
#
_entry.id   5XCB
#
_cell.length_a   90.400
_cell.length_b   141.330
_cell.length_c   61.480
_cell.angle_alpha   90.00
_cell.angle_beta   90.00
_cell.angle_gamma   90.00
#
_symmetry.space_group_name_H-M   'C 2 2 2'
#
loop_
_entity.id
_entity.type
_entity.pdbx_description
1 polymer 'Probable surface protein'
2 water water
#
_entity_poly.entity_id   1
_entity_poly.type   'polypeptide(L)'
_entity_poly.pdbx_seq_one_letter_code
;MNHKVHHHHHHIEGRHMTPSISKDAPIKGSITISKKGATFTAYKLLDAIKSGDAYEYSVNSDLKDFFNNSNYGSYSQESI
QKLNGEQVKEFAINLHKYILENKKSGQELKDGQKNTVDLGYYLVTETSSDSEGAAVASTPIIVSVPQVSGDSWNYDVTIN
PKDNTPILEKNIVKENQRVKTSSENIGDVVKYEVKASIPVYQKNAQNIMYKFTDTMSKGLTYDEKTGFKVTSGDKVFAKD
TDYTVDVKKQEDGSTVITINFVYENIKAYAETGITLNYQATLNKDAVISNKENLGNTNNIQLDYTNNPHVKDSYKKLTDK
VTTYT
;
_entity_poly.pdbx_strand_id   A
#
# COMPACT_ATOMS: atom_id res chain seq x y z
N MET A 17 -18.65 -5.51 30.54
CA MET A 17 -17.56 -5.56 31.56
C MET A 17 -16.45 -4.55 31.22
N THR A 18 -16.06 -3.75 32.22
CA THR A 18 -15.15 -2.62 32.04
C THR A 18 -14.50 -2.19 33.36
N PRO A 19 -13.16 -2.01 33.36
CA PRO A 19 -12.42 -1.60 34.55
C PRO A 19 -12.89 -0.27 35.13
N SER A 20 -12.79 -0.12 36.44
CA SER A 20 -13.14 1.13 37.11
C SER A 20 -12.16 2.23 36.75
N ILE A 21 -12.61 3.48 36.84
CA ILE A 21 -11.72 4.62 36.62
C ILE A 21 -11.12 5.05 37.97
N SER A 22 -9.84 5.42 37.95
CA SER A 22 -9.11 5.79 39.15
C SER A 22 -9.27 7.27 39.49
N LYS A 23 -8.91 7.62 40.72
CA LYS A 23 -8.87 9.00 41.20
C LYS A 23 -7.73 9.76 40.49
N ASP A 24 -6.64 9.04 40.23
CA ASP A 24 -5.47 9.61 39.56
C ASP A 24 -5.55 9.50 38.02
N ALA A 25 -6.78 9.42 37.48
CA ALA A 25 -6.99 9.17 36.05
C ALA A 25 -6.89 10.45 35.21
N PRO A 26 -5.99 10.45 34.22
CA PRO A 26 -5.76 11.63 33.37
C PRO A 26 -7.02 12.11 32.65
N ILE A 27 -7.11 13.41 32.40
CA ILE A 27 -8.16 13.97 31.55
C ILE A 27 -7.70 14.00 30.07
N LYS A 28 -6.47 13.55 29.83
CA LYS A 28 -5.92 13.46 28.47
C LYS A 28 -5.20 12.14 28.32
N GLY A 29 -4.98 11.72 27.07
CA GLY A 29 -4.15 10.56 26.78
C GLY A 29 -3.15 10.86 25.69
N SER A 30 -2.64 9.81 25.07
CA SER A 30 -1.73 10.01 23.93
C SER A 30 -1.87 8.89 22.90
N ILE A 31 -1.48 9.22 21.67
CA ILE A 31 -1.38 8.22 20.62
C ILE A 31 0.03 8.25 20.08
N THR A 32 0.61 7.05 19.95
CA THR A 32 1.91 6.82 19.35
C THR A 32 1.75 5.85 18.20
N ILE A 33 2.30 6.22 17.05
CA ILE A 33 2.38 5.27 15.91
C ILE A 33 3.73 5.47 15.26
N SER A 34 4.39 4.37 14.91
CA SER A 34 5.70 4.44 14.23
C SER A 34 5.66 3.96 12.79
N LYS A 35 6.01 4.86 11.87
CA LYS A 35 6.21 4.49 10.48
C LYS A 35 7.04 5.60 9.83
N LYS A 36 8.32 5.33 9.61
CA LYS A 36 9.26 6.35 9.13
C LYS A 36 8.80 7.07 7.87
N GLY A 37 8.81 8.41 7.95
CA GLY A 37 8.50 9.28 6.83
C GLY A 37 7.03 9.59 6.70
N ALA A 38 6.19 8.81 7.38
CA ALA A 38 4.76 8.94 7.17
C ALA A 38 4.16 9.84 8.21
N THR A 39 3.00 10.38 7.87
CA THR A 39 2.17 11.13 8.79
C THR A 39 0.76 10.56 8.80
N PHE A 40 0.27 10.30 10.01
CA PHE A 40 -1.11 9.91 10.27
C PHE A 40 -1.89 11.05 10.91
N THR A 41 -3.19 11.07 10.65
CA THR A 41 -4.06 12.09 11.21
C THR A 41 -5.16 11.42 12.02
N ALA A 42 -5.40 11.98 13.21
CA ALA A 42 -6.37 11.44 14.18
C ALA A 42 -7.63 12.27 14.15
N TYR A 43 -8.75 11.63 13.86
CA TYR A 43 -10.06 12.30 13.78
C TYR A 43 -10.92 11.83 14.97
N LYS A 44 -11.30 12.76 15.83
CA LYS A 44 -12.07 12.43 17.01
C LYS A 44 -13.55 12.33 16.66
N LEU A 45 -14.04 11.10 16.63
CA LEU A 45 -15.43 10.82 16.33
C LEU A 45 -16.36 11.03 17.54
N LEU A 46 -15.90 10.60 18.71
CA LEU A 46 -16.68 10.66 19.95
C LEU A 46 -15.83 11.18 21.11
N ASP A 47 -16.38 12.11 21.88
CA ASP A 47 -15.73 12.55 23.12
C ASP A 47 -16.06 11.58 24.24
N ALA A 48 -15.05 11.20 25.01
CA ALA A 48 -15.25 10.36 26.16
C ALA A 48 -15.42 11.27 27.37
N ILE A 49 -16.43 10.98 28.18
CA ILE A 49 -16.71 11.75 29.37
C ILE A 49 -16.82 10.83 30.60
N LYS A 50 -16.08 11.13 31.65
CA LYS A 50 -16.15 10.36 32.88
C LYS A 50 -17.50 10.61 33.50
N SER A 51 -18.25 9.55 33.68
CA SER A 51 -19.60 9.61 34.21
C SER A 51 -19.76 8.47 35.20
N GLY A 52 -19.72 8.82 36.49
CA GLY A 52 -19.68 7.79 37.51
C GLY A 52 -18.40 7.01 37.35
N ASP A 53 -18.52 5.69 37.32
CA ASP A 53 -17.37 4.81 37.27
C ASP A 53 -17.08 4.29 35.85
N ALA A 54 -17.65 4.92 34.82
CA ALA A 54 -17.34 4.55 33.43
C ALA A 54 -17.17 5.78 32.53
N TYR A 55 -16.72 5.52 31.29
CA TYR A 55 -16.69 6.57 30.27
C TYR A 55 -17.97 6.44 29.49
N GLU A 56 -18.65 7.57 29.32
CA GLU A 56 -19.77 7.67 28.37
C GLU A 56 -19.29 8.52 27.17
N TYR A 57 -19.96 8.38 26.03
CA TYR A 57 -19.48 8.99 24.79
C TYR A 57 -20.53 9.89 24.19
N SER A 58 -20.11 11.08 23.78
CA SER A 58 -20.99 12.00 23.08
C SER A 58 -20.40 12.37 21.72
N VAL A 59 -21.28 12.59 20.74
CA VAL A 59 -20.82 12.90 19.39
C VAL A 59 -20.00 14.17 19.39
N ASN A 60 -18.81 14.06 18.85
CA ASN A 60 -18.01 15.24 18.55
C ASN A 60 -18.82 16.03 17.52
N SER A 61 -19.03 17.32 17.79
CA SER A 61 -19.89 18.18 16.97
C SER A 61 -19.32 18.53 15.59
N ASP A 62 -17.99 18.51 15.44
CA ASP A 62 -17.38 18.61 14.12
C ASP A 62 -17.79 17.46 13.21
N LEU A 63 -18.10 16.29 13.77
CA LEU A 63 -18.42 15.09 12.99
C LEU A 63 -19.78 14.49 13.27
N LYS A 64 -20.60 15.21 14.03
CA LYS A 64 -21.86 14.67 14.55
C LYS A 64 -22.81 14.27 13.44
N ASP A 65 -22.65 14.91 12.29
CA ASP A 65 -23.57 14.70 11.19
C ASP A 65 -23.14 13.58 10.25
N PHE A 66 -22.10 12.84 10.63
CA PHE A 66 -21.76 11.59 9.99
C PHE A 66 -22.71 10.50 10.47
N PHE A 67 -23.13 10.61 11.73
CA PHE A 67 -24.06 9.65 12.31
C PHE A 67 -25.48 9.81 11.79
N ASN A 68 -26.20 8.69 11.70
CA ASN A 68 -27.62 8.68 11.30
C ASN A 68 -27.77 9.48 10.00
N ASN A 69 -26.79 9.25 9.10
CA ASN A 69 -26.70 9.95 7.82
C ASN A 69 -26.68 8.86 6.76
N SER A 70 -27.75 8.82 5.97
CA SER A 70 -27.98 7.77 4.99
C SER A 70 -26.91 7.75 3.89
N ASN A 71 -26.27 8.88 3.69
CA ASN A 71 -25.18 8.99 2.73
C ASN A 71 -23.93 8.23 3.19
N TYR A 72 -23.92 7.75 4.44
CA TYR A 72 -22.71 7.06 4.98
C TYR A 72 -23.02 5.91 5.93
N GLY A 73 -23.99 5.09 5.56
CA GLY A 73 -24.26 3.84 6.28
C GLY A 73 -25.20 3.96 7.48
N SER A 74 -25.74 5.15 7.72
CA SER A 74 -26.69 5.40 8.83
C SER A 74 -26.28 4.73 10.15
N TYR A 75 -25.05 4.97 10.58
CA TYR A 75 -24.60 4.46 11.88
C TYR A 75 -25.08 5.39 12.98
N SER A 76 -25.63 4.79 14.03
CA SER A 76 -26.01 5.51 15.24
C SER A 76 -24.81 5.53 16.17
N GLN A 77 -24.79 6.48 17.09
CA GLN A 77 -23.78 6.52 18.14
C GLN A 77 -23.63 5.14 18.79
N GLU A 78 -24.78 4.54 19.11
CA GLU A 78 -24.86 3.24 19.78
C GLU A 78 -24.33 2.10 18.92
N SER A 79 -24.40 2.25 17.60
CA SER A 79 -23.91 1.23 16.66
C SER A 79 -22.45 0.89 16.85
N ILE A 80 -21.64 1.90 17.18
CA ILE A 80 -20.18 1.77 17.17
C ILE A 80 -19.65 0.58 17.99
N GLN A 81 -19.59 0.72 19.30
CA GLN A 81 -18.96 -0.30 20.16
C GLN A 81 -19.72 -1.63 20.12
N LYS A 82 -20.77 -1.70 19.30
CA LYS A 82 -21.50 -2.95 19.05
C LYS A 82 -20.93 -3.73 17.85
N LEU A 83 -20.06 -3.09 17.08
CA LEU A 83 -19.55 -3.64 15.81
C LEU A 83 -18.46 -4.68 15.98
N ASN A 84 -18.46 -5.68 15.10
CA ASN A 84 -17.39 -6.70 15.06
C ASN A 84 -16.25 -6.21 14.19
N GLY A 85 -15.21 -7.03 14.05
CA GLY A 85 -14.00 -6.67 13.32
C GLY A 85 -14.16 -6.34 11.84
N GLU A 86 -15.07 -7.05 11.17
CA GLU A 86 -15.30 -6.88 9.74
C GLU A 86 -16.29 -5.75 9.45
N GLN A 87 -17.20 -5.52 10.38
CA GLN A 87 -18.13 -4.39 10.29
C GLN A 87 -17.40 -3.08 10.59
N VAL A 88 -16.37 -3.17 11.42
CA VAL A 88 -15.54 -2.02 11.78
C VAL A 88 -14.82 -1.47 10.56
N LYS A 89 -14.27 -2.36 9.72
CA LYS A 89 -13.63 -1.94 8.48
C LYS A 89 -14.59 -1.15 7.60
N GLU A 90 -15.79 -1.69 7.41
CA GLU A 90 -16.83 -1.01 6.63
C GLU A 90 -17.18 0.34 7.24
N PHE A 91 -17.32 0.36 8.56
CA PHE A 91 -17.62 1.59 9.31
C PHE A 91 -16.49 2.61 9.07
N ALA A 92 -15.26 2.16 9.28
CA ALA A 92 -14.09 3.02 9.15
C ALA A 92 -13.99 3.57 7.73
N ILE A 93 -14.33 2.75 6.76
CA ILE A 93 -14.32 3.20 5.36
C ILE A 93 -15.29 4.35 5.16
N ASN A 94 -16.53 4.16 5.62
CA ASN A 94 -17.57 5.18 5.48
C ASN A 94 -17.19 6.48 6.16
N LEU A 95 -16.53 6.37 7.32
CA LEU A 95 -16.16 7.56 8.10
C LEU A 95 -15.03 8.30 7.39
N HIS A 96 -13.99 7.56 7.00
CA HIS A 96 -12.93 8.14 6.17
C HIS A 96 -13.53 8.89 4.95
N LYS A 97 -14.47 8.24 4.29
CA LYS A 97 -15.13 8.89 3.12
C LYS A 97 -15.83 10.20 3.50
N TYR A 98 -16.53 10.21 4.64
CA TYR A 98 -17.23 11.41 5.14
C TYR A 98 -16.23 12.55 5.35
N ILE A 99 -15.12 12.20 5.99
CA ILE A 99 -14.04 13.13 6.29
C ILE A 99 -13.44 13.77 5.01
N LEU A 100 -13.15 12.95 4.01
CA LEU A 100 -12.60 13.43 2.74
C LEU A 100 -13.62 14.24 1.97
N GLU A 101 -14.86 13.80 1.97
CA GLU A 101 -15.89 14.46 1.18
C GLU A 101 -16.35 15.76 1.78
N ASN A 102 -16.23 15.90 3.11
CA ASN A 102 -16.66 17.14 3.77
C ASN A 102 -15.46 17.96 4.27
N LYS A 103 -14.27 17.62 3.77
CA LYS A 103 -13.07 18.42 4.00
C LYS A 103 -12.87 18.71 5.48
N LYS A 104 -13.03 17.66 6.28
CA LYS A 104 -12.80 17.74 7.71
C LYS A 104 -11.32 17.67 7.97
N SER A 105 -10.90 18.33 9.04
CA SER A 105 -9.52 18.34 9.43
C SER A 105 -9.39 17.60 10.73
N GLY A 106 -8.19 17.11 10.99
CA GLY A 106 -7.94 16.35 12.20
C GLY A 106 -6.63 16.77 12.81
N GLN A 107 -6.16 15.98 13.77
CA GLN A 107 -4.90 16.24 14.44
C GLN A 107 -3.81 15.37 13.81
N GLU A 108 -2.82 16.02 13.20
CA GLU A 108 -1.70 15.32 12.60
C GLU A 108 -0.75 14.88 13.69
N LEU A 109 -0.31 13.64 13.58
CA LEU A 109 0.50 13.02 14.60
C LEU A 109 1.97 13.07 14.21
N LYS A 110 2.83 13.40 15.16
CA LYS A 110 4.27 13.24 15.01
C LYS A 110 4.63 11.75 15.07
N ASP A 111 5.47 11.33 14.14
CA ASP A 111 5.94 9.96 14.06
C ASP A 111 6.80 9.54 15.27
N GLY A 112 6.52 8.37 15.81
CA GLY A 112 7.29 7.75 16.87
C GLY A 112 7.41 8.58 18.14
N GLN A 113 6.45 9.46 18.41
CA GLN A 113 6.37 10.23 19.67
C GLN A 113 4.94 10.21 20.19
N LYS A 114 4.79 10.36 21.51
CA LYS A 114 3.47 10.47 22.10
C LYS A 114 2.81 11.72 21.57
N ASN A 115 1.56 11.59 21.12
CA ASN A 115 0.79 12.75 20.71
C ASN A 115 -0.35 12.91 21.69
N THR A 116 -0.35 14.02 22.40
CA THR A 116 -1.38 14.28 23.42
C THR A 116 -2.70 14.51 22.72
N VAL A 117 -3.71 13.76 23.11
CA VAL A 117 -5.05 13.90 22.55
C VAL A 117 -6.10 13.84 23.66
N ASP A 118 -7.31 14.32 23.36
CA ASP A 118 -8.43 14.19 24.27
C ASP A 118 -8.87 12.74 24.33
N LEU A 119 -9.59 12.42 25.40
CA LEU A 119 -10.11 11.08 25.56
C LEU A 119 -11.25 10.98 24.57
N GLY A 120 -11.36 9.83 23.93
CA GLY A 120 -12.35 9.67 22.89
C GLY A 120 -12.10 8.50 21.99
N TYR A 121 -12.97 8.41 20.99
CA TYR A 121 -12.94 7.39 19.97
C TYR A 121 -12.41 8.04 18.70
N TYR A 122 -11.39 7.44 18.11
CA TYR A 122 -10.65 8.05 17.01
C TYR A 122 -10.56 7.16 15.79
N LEU A 123 -10.62 7.80 14.64
CA LEU A 123 -10.21 7.18 13.39
C LEU A 123 -8.86 7.77 13.08
N VAL A 124 -7.89 6.90 12.79
CA VAL A 124 -6.55 7.33 12.43
C VAL A 124 -6.19 6.83 11.04
N THR A 125 -5.85 7.76 10.15
CA THR A 125 -5.56 7.45 8.76
C THR A 125 -4.19 7.91 8.37
N GLU A 126 -3.58 7.24 7.39
CA GLU A 126 -2.31 7.72 6.87
C GLU A 126 -2.61 8.82 5.85
N THR A 127 -2.11 10.03 6.09
CA THR A 127 -2.47 11.18 5.25
C THR A 127 -1.31 11.71 4.46
N SER A 128 -0.09 11.29 4.80
CA SER A 128 1.10 11.68 4.05
C SER A 128 1.08 11.12 2.64
N SER A 129 1.69 11.87 1.72
CA SER A 129 1.83 11.43 0.36
C SER A 129 2.98 10.43 0.23
N ASP A 130 4.01 10.59 1.06
CA ASP A 130 5.21 9.77 1.00
C ASP A 130 5.62 9.22 2.36
N SER A 131 6.36 8.12 2.31
CA SER A 131 6.93 7.51 3.52
C SER A 131 8.21 6.81 3.11
N GLU A 132 9.01 6.37 4.10
CA GLU A 132 10.27 5.68 3.80
C GLU A 132 10.04 4.21 3.40
N GLY A 133 10.99 3.65 2.67
CA GLY A 133 10.91 2.24 2.26
C GLY A 133 9.80 2.00 1.24
N ALA A 134 9.37 0.75 1.14
CA ALA A 134 8.53 0.31 0.01
C ALA A 134 7.06 0.12 0.35
N ALA A 135 6.71 0.22 1.64
CA ALA A 135 5.34 0.00 2.07
C ALA A 135 4.33 0.95 1.41
N VAL A 136 3.14 0.45 1.14
CA VAL A 136 2.04 1.29 0.69
C VAL A 136 1.33 1.84 1.94
N ALA A 137 0.32 2.66 1.74
CA ALA A 137 -0.39 3.26 2.86
C ALA A 137 -1.11 2.24 3.77
N SER A 138 -1.17 2.56 5.05
CA SER A 138 -2.02 1.84 5.99
C SER A 138 -3.51 2.05 5.71
N THR A 139 -4.28 1.01 5.98
CA THR A 139 -5.74 1.16 6.07
C THR A 139 -6.11 1.87 7.37
N PRO A 140 -7.31 2.43 7.45
CA PRO A 140 -7.70 3.17 8.64
C PRO A 140 -7.65 2.37 9.95
N ILE A 141 -7.31 3.07 11.04
CA ILE A 141 -7.28 2.47 12.36
C ILE A 141 -8.32 3.15 13.26
N ILE A 142 -9.20 2.35 13.82
CA ILE A 142 -10.09 2.85 14.86
C ILE A 142 -9.40 2.58 16.19
N VAL A 143 -9.33 3.61 17.04
CA VAL A 143 -8.73 3.44 18.36
C VAL A 143 -9.45 4.22 19.45
N SER A 144 -9.49 3.61 20.64
CA SER A 144 -10.08 4.22 21.81
C SER A 144 -9.01 4.69 22.81
N VAL A 145 -9.12 5.94 23.24
CA VAL A 145 -8.25 6.51 24.27
C VAL A 145 -9.12 6.96 25.47
N PRO A 146 -9.00 6.27 26.59
CA PRO A 146 -8.06 5.17 26.78
C PRO A 146 -8.60 3.90 26.24
N GLN A 147 -7.79 2.86 26.28
CA GLN A 147 -8.24 1.51 25.94
C GLN A 147 -8.12 0.55 27.13
N VAL A 148 -8.92 -0.52 27.11
CA VAL A 148 -8.82 -1.56 28.11
C VAL A 148 -7.61 -2.43 27.81
N SER A 149 -6.67 -2.49 28.75
CA SER A 149 -5.60 -3.49 28.73
C SER A 149 -5.70 -4.31 30.01
N GLY A 150 -5.99 -5.61 29.86
CA GLY A 150 -6.26 -6.48 31.00
C GLY A 150 -7.47 -5.98 31.77
N ASP A 151 -7.29 -5.76 33.07
CA ASP A 151 -8.35 -5.20 33.93
C ASP A 151 -8.02 -3.76 34.30
N SER A 152 -7.43 -3.03 33.36
CA SER A 152 -7.00 -1.66 33.59
C SER A 152 -7.27 -0.75 32.38
N TRP A 153 -7.16 0.55 32.58
CA TRP A 153 -7.27 1.54 31.51
C TRP A 153 -5.89 2.07 31.10
N ASN A 154 -5.54 1.93 29.82
CA ASN A 154 -4.30 2.48 29.31
C ASN A 154 -4.57 3.77 28.54
N TYR A 155 -3.96 4.86 28.98
CA TYR A 155 -4.17 6.20 28.44
C TYR A 155 -3.13 6.65 27.41
N ASP A 156 -2.02 5.92 27.32
CA ASP A 156 -0.98 6.16 26.32
C ASP A 156 -0.97 4.98 25.37
N VAL A 157 -1.71 5.12 24.29
CA VAL A 157 -1.99 4.03 23.38
C VAL A 157 -1.00 4.03 22.24
N THR A 158 -0.57 2.83 21.89
CA THR A 158 0.24 2.60 20.71
C THR A 158 -0.53 1.80 19.69
N ILE A 159 -0.52 2.28 18.45
CA ILE A 159 -1.16 1.58 17.34
C ILE A 159 -0.15 1.20 16.25
N ASN A 160 -0.50 0.18 15.47
CA ASN A 160 0.35 -0.30 14.37
C ASN A 160 -0.26 0.02 13.00
N PRO A 161 0.58 0.44 12.05
CA PRO A 161 0.14 0.62 10.67
C PRO A 161 -0.41 -0.69 10.10
N LYS A 162 -1.55 -0.65 9.44
CA LYS A 162 -2.07 -1.82 8.74
C LYS A 162 -1.70 -1.71 7.26
N ASP A 163 -0.44 -1.96 6.95
CA ASP A 163 0.03 -1.81 5.58
C ASP A 163 0.66 -3.10 5.06
N ASN A 164 1.30 -3.02 3.91
CA ASN A 164 2.04 -4.14 3.36
C ASN A 164 3.22 -3.62 2.54
N THR A 165 4.16 -4.52 2.30
CA THR A 165 5.42 -4.14 1.68
C THR A 165 5.74 -5.02 0.50
N PRO A 166 5.59 -4.47 -0.72
CA PRO A 166 5.87 -5.21 -1.92
C PRO A 166 7.37 -5.44 -2.11
N ILE A 167 7.72 -6.55 -2.74
CA ILE A 167 9.09 -6.79 -3.14
C ILE A 167 9.11 -7.03 -4.63
N LEU A 168 10.26 -6.77 -5.25
CA LEU A 168 10.45 -6.92 -6.68
C LEU A 168 11.82 -7.56 -6.92
N GLU A 169 11.85 -8.54 -7.82
CA GLU A 169 13.09 -9.16 -8.21
C GLU A 169 13.10 -9.43 -9.71
N LYS A 170 14.21 -9.09 -10.35
CA LYS A 170 14.47 -9.54 -11.71
C LYS A 170 15.65 -10.49 -11.67
N ASN A 171 15.48 -11.62 -12.36
CA ASN A 171 16.51 -12.61 -12.47
C ASN A 171 16.67 -13.04 -13.91
N ILE A 172 17.85 -13.55 -14.21
CA ILE A 172 18.09 -14.28 -15.44
C ILE A 172 17.82 -15.74 -15.14
N VAL A 173 17.11 -16.39 -16.06
CA VAL A 173 16.82 -17.82 -15.97
C VAL A 173 17.72 -18.56 -16.95
N LYS A 174 18.53 -19.47 -16.41
CA LYS A 174 19.50 -20.25 -17.19
C LYS A 174 19.92 -21.48 -16.40
N GLU A 175 19.93 -22.65 -17.05
CA GLU A 175 20.24 -23.91 -16.36
C GLU A 175 19.20 -24.16 -15.26
N ASN A 176 17.97 -23.72 -15.51
CA ASN A 176 16.89 -23.86 -14.53
C ASN A 176 17.27 -23.26 -13.18
N GLN A 177 17.95 -22.12 -13.23
CA GLN A 177 18.33 -21.36 -12.03
C GLN A 177 18.08 -19.87 -12.22
N ARG A 178 17.86 -19.19 -11.11
CA ARG A 178 17.67 -17.74 -11.10
C ARG A 178 19.00 -17.09 -10.76
N VAL A 179 19.53 -16.32 -11.69
CA VAL A 179 20.84 -15.69 -11.54
C VAL A 179 20.74 -14.20 -11.88
N LYS A 180 21.64 -13.40 -11.31
CA LYS A 180 21.66 -11.96 -11.57
C LYS A 180 22.73 -11.51 -12.58
N THR A 181 23.66 -12.42 -12.91
CA THR A 181 24.63 -12.18 -14.00
C THR A 181 24.73 -13.43 -14.88
N SER A 182 24.67 -13.24 -16.19
CA SER A 182 24.73 -14.32 -17.17
C SER A 182 25.95 -14.08 -18.08
N SER A 183 26.36 -15.13 -18.77
CA SER A 183 27.47 -15.07 -19.71
C SER A 183 27.05 -15.79 -20.99
N GLU A 184 26.87 -15.04 -22.07
CA GLU A 184 26.39 -15.60 -23.34
C GLU A 184 27.28 -15.14 -24.51
N ASN A 185 26.96 -15.67 -25.69
CA ASN A 185 27.61 -15.26 -26.95
C ASN A 185 26.62 -14.46 -27.77
N ILE A 186 27.11 -13.60 -28.64
CA ILE A 186 26.21 -12.82 -29.50
C ILE A 186 25.21 -13.75 -30.21
N GLY A 187 24.00 -13.27 -30.41
CA GLY A 187 22.94 -14.05 -31.04
C GLY A 187 22.27 -15.04 -30.09
N ASP A 188 22.94 -15.35 -28.97
CA ASP A 188 22.35 -16.18 -27.92
C ASP A 188 21.12 -15.49 -27.31
N VAL A 189 20.26 -16.29 -26.66
CA VAL A 189 19.02 -15.79 -26.07
C VAL A 189 19.17 -15.75 -24.56
N VAL A 190 18.88 -14.58 -24.00
CA VAL A 190 18.88 -14.38 -22.53
C VAL A 190 17.45 -14.36 -22.00
N LYS A 191 17.15 -15.28 -21.08
CA LYS A 191 15.80 -15.44 -20.52
C LYS A 191 15.66 -14.75 -19.15
N TYR A 192 14.62 -13.92 -19.06
CA TYR A 192 14.34 -13.10 -17.88
C TYR A 192 13.09 -13.55 -17.11
N GLU A 193 13.14 -13.41 -15.79
CA GLU A 193 11.98 -13.65 -14.94
C GLU A 193 11.85 -12.57 -13.87
N VAL A 194 10.73 -11.85 -13.87
CA VAL A 194 10.43 -10.85 -12.86
C VAL A 194 9.34 -11.40 -11.96
N LYS A 195 9.60 -11.39 -10.65
CA LYS A 195 8.62 -11.70 -9.61
C LYS A 195 8.32 -10.44 -8.81
N ALA A 196 7.06 -10.09 -8.65
CA ALA A 196 6.69 -8.87 -7.91
C ALA A 196 5.43 -9.09 -7.12
N SER A 197 5.43 -8.58 -5.89
CA SER A 197 4.23 -8.52 -5.07
C SER A 197 3.15 -7.69 -5.76
N ILE A 198 1.92 -8.00 -5.44
CA ILE A 198 0.78 -7.14 -5.74
C ILE A 198 0.35 -6.53 -4.41
N PRO A 199 0.62 -5.23 -4.23
CA PRO A 199 0.21 -4.58 -3.00
C PRO A 199 -1.29 -4.54 -2.85
N VAL A 200 -1.76 -4.48 -1.62
CA VAL A 200 -3.19 -4.35 -1.40
C VAL A 200 -3.51 -3.03 -0.72
N TYR A 201 -4.71 -2.53 -0.98
CA TYR A 201 -5.13 -1.24 -0.50
C TYR A 201 -6.50 -1.33 0.17
N GLN A 202 -6.89 -0.28 0.87
CA GLN A 202 -8.25 -0.26 1.39
C GLN A 202 -9.28 -0.58 0.31
N LYS A 203 -10.34 -1.26 0.74
CA LYS A 203 -11.35 -1.82 -0.12
C LYS A 203 -11.85 -0.85 -1.19
N ASN A 204 -12.00 0.44 -0.84
CA ASN A 204 -12.58 1.43 -1.75
C ASN A 204 -11.57 2.27 -2.56
N ALA A 205 -10.34 1.78 -2.72
CA ALA A 205 -9.33 2.54 -3.45
C ALA A 205 -9.61 2.52 -4.95
N GLN A 206 -9.36 3.63 -5.61
CA GLN A 206 -9.58 3.76 -7.04
C GLN A 206 -8.33 4.25 -7.74
N ASN A 207 -8.26 4.06 -9.05
CA ASN A 207 -7.20 4.61 -9.89
C ASN A 207 -5.81 4.15 -9.42
N ILE A 208 -5.70 2.87 -9.08
CA ILE A 208 -4.45 2.33 -8.60
C ILE A 208 -3.51 2.18 -9.78
N MET A 209 -2.26 2.64 -9.61
CA MET A 209 -1.21 2.39 -10.59
C MET A 209 -0.36 1.18 -10.23
N TYR A 210 -0.10 0.34 -11.23
CA TYR A 210 0.79 -0.81 -11.09
C TYR A 210 1.41 -1.01 -12.47
N LYS A 211 2.60 -0.42 -12.64
CA LYS A 211 3.20 -0.21 -13.97
C LYS A 211 4.67 -0.52 -13.94
N PHE A 212 5.07 -1.51 -14.73
CA PHE A 212 6.48 -1.88 -14.92
C PHE A 212 7.10 -1.10 -16.09
N THR A 213 8.32 -0.62 -15.88
CA THR A 213 9.16 -0.05 -16.95
C THR A 213 10.48 -0.80 -17.00
N ASP A 214 10.70 -1.53 -18.09
CA ASP A 214 11.88 -2.35 -18.27
C ASP A 214 12.80 -1.63 -19.28
N THR A 215 14.07 -1.53 -18.92
CA THR A 215 15.08 -0.94 -19.82
C THR A 215 16.19 -1.93 -20.13
N MET A 216 16.33 -2.27 -21.40
CA MET A 216 17.41 -3.15 -21.87
C MET A 216 18.45 -2.29 -22.56
N SER A 217 19.73 -2.59 -22.30
CA SER A 217 20.85 -1.87 -22.93
C SER A 217 20.98 -2.25 -24.42
N LYS A 218 21.70 -1.43 -25.18
CA LYS A 218 21.72 -1.53 -26.66
C LYS A 218 22.13 -2.90 -27.19
N GLY A 219 22.96 -3.61 -26.44
CA GLY A 219 23.43 -4.94 -26.85
C GLY A 219 22.39 -6.04 -26.71
N LEU A 220 21.13 -5.65 -26.45
CA LEU A 220 20.03 -6.59 -26.22
C LEU A 220 18.87 -6.29 -27.16
N THR A 221 18.34 -7.33 -27.80
CA THR A 221 17.16 -7.16 -28.65
C THR A 221 15.98 -7.90 -28.07
N TYR A 222 15.01 -7.11 -27.61
CA TYR A 222 13.79 -7.63 -27.03
C TYR A 222 13.10 -8.56 -28.02
N ASP A 223 12.87 -9.79 -27.59
CA ASP A 223 12.19 -10.79 -28.40
C ASP A 223 10.69 -10.51 -28.41
N GLU A 224 10.25 -9.60 -29.28
CA GLU A 224 8.85 -9.25 -29.42
C GLU A 224 7.96 -10.45 -29.74
N LYS A 225 8.46 -11.36 -30.57
CA LYS A 225 7.62 -12.47 -31.06
C LYS A 225 7.24 -13.37 -29.89
N THR A 226 8.21 -13.72 -29.05
CA THR A 226 7.91 -14.48 -27.85
C THR A 226 7.07 -13.63 -26.88
N GLY A 227 7.41 -12.35 -26.79
CA GLY A 227 6.65 -11.38 -25.99
C GLY A 227 6.64 -11.71 -24.51
N PHE A 228 5.65 -11.19 -23.79
CA PHE A 228 5.57 -11.39 -22.35
C PHE A 228 4.56 -12.45 -22.00
N LYS A 229 4.95 -13.32 -21.08
CA LYS A 229 4.05 -14.28 -20.48
C LYS A 229 3.80 -13.88 -19.03
N VAL A 230 2.62 -13.32 -18.76
CA VAL A 230 2.30 -12.75 -17.45
C VAL A 230 1.44 -13.71 -16.64
N THR A 231 1.95 -14.18 -15.51
CA THR A 231 1.20 -15.14 -14.71
C THR A 231 1.13 -14.81 -13.19
N SER A 232 0.26 -15.53 -12.51
CA SER A 232 0.18 -15.55 -11.06
C SER A 232 -0.40 -16.88 -10.67
N GLY A 233 0.44 -17.75 -10.15
CA GLY A 233 0.04 -19.13 -9.92
C GLY A 233 -0.34 -19.76 -11.25
N ASP A 234 -1.50 -20.41 -11.27
CA ASP A 234 -1.99 -21.08 -12.46
C ASP A 234 -2.61 -20.09 -13.42
N LYS A 235 -2.84 -18.86 -12.95
CA LYS A 235 -3.49 -17.85 -13.77
C LYS A 235 -2.52 -17.28 -14.80
N VAL A 236 -2.99 -17.15 -16.03
CA VAL A 236 -2.27 -16.42 -17.04
C VAL A 236 -3.17 -15.26 -17.42
N PHE A 237 -2.60 -14.05 -17.41
CA PHE A 237 -3.36 -12.86 -17.76
C PHE A 237 -3.33 -12.62 -19.26
N ALA A 238 -4.18 -11.72 -19.72
CA ALA A 238 -4.39 -11.49 -21.14
C ALA A 238 -3.96 -10.11 -21.59
N LYS A 239 -3.06 -10.06 -22.57
CA LYS A 239 -2.61 -8.82 -23.17
C LYS A 239 -3.78 -8.02 -23.73
N ASP A 240 -3.76 -6.72 -23.50
CA ASP A 240 -4.79 -5.80 -23.97
C ASP A 240 -6.14 -5.94 -23.28
N THR A 241 -6.21 -6.74 -22.21
CA THR A 241 -7.36 -6.70 -21.30
C THR A 241 -6.89 -6.42 -19.87
N ASP A 242 -5.90 -7.18 -19.43
CA ASP A 242 -5.34 -7.08 -18.07
C ASP A 242 -4.11 -6.15 -17.94
N TYR A 243 -3.37 -6.01 -19.04
CA TYR A 243 -2.18 -5.18 -19.13
C TYR A 243 -1.85 -4.81 -20.58
N THR A 244 -1.19 -3.67 -20.79
CA THR A 244 -0.68 -3.29 -22.12
C THR A 244 0.82 -3.35 -22.15
N VAL A 245 1.35 -3.58 -23.36
CA VAL A 245 2.79 -3.61 -23.60
C VAL A 245 3.13 -2.57 -24.67
N ASP A 246 3.94 -1.58 -24.28
CA ASP A 246 4.38 -0.54 -25.18
C ASP A 246 5.91 -0.60 -25.28
N VAL A 247 6.42 -0.73 -26.50
CA VAL A 247 7.85 -0.90 -26.75
C VAL A 247 8.41 0.31 -27.44
N LYS A 248 9.41 0.93 -26.82
CA LYS A 248 10.09 2.08 -27.39
C LYS A 248 11.59 1.81 -27.43
N LYS A 249 12.07 1.35 -28.57
CA LYS A 249 13.49 1.42 -28.90
C LYS A 249 13.91 2.90 -28.87
N GLN A 250 14.95 3.23 -28.10
CA GLN A 250 15.40 4.61 -27.93
C GLN A 250 16.54 4.94 -28.91
N GLU A 251 16.82 6.24 -29.07
CA GLU A 251 17.87 6.67 -30.01
C GLU A 251 19.22 6.07 -29.64
N ASP A 252 19.56 6.13 -28.36
CA ASP A 252 20.84 5.60 -27.88
C ASP A 252 20.96 4.07 -28.01
N GLY A 253 19.97 3.43 -28.63
CA GLY A 253 20.00 1.97 -28.87
C GLY A 253 19.42 1.07 -27.78
N SER A 254 19.03 1.65 -26.63
CA SER A 254 18.39 0.89 -25.55
C SER A 254 16.90 0.69 -25.82
N THR A 255 16.28 -0.27 -25.14
CA THR A 255 14.81 -0.47 -25.26
C THR A 255 14.06 -0.20 -23.93
N VAL A 256 13.03 0.63 -24.00
CA VAL A 256 12.15 0.88 -22.86
C VAL A 256 10.78 0.23 -23.08
N ILE A 257 10.54 -0.84 -22.33
CA ILE A 257 9.27 -1.57 -22.38
C ILE A 257 8.38 -1.21 -21.19
N THR A 258 7.21 -0.66 -21.47
CA THR A 258 6.20 -0.33 -20.46
C THR A 258 5.09 -1.41 -20.40
N ILE A 259 4.99 -2.10 -19.27
CA ILE A 259 3.91 -3.08 -19.03
C ILE A 259 2.98 -2.56 -17.94
N ASN A 260 1.83 -2.04 -18.35
CA ASN A 260 0.95 -1.31 -17.49
C ASN A 260 -0.31 -2.11 -17.22
N PHE A 261 -0.65 -2.30 -15.95
CA PHE A 261 -1.73 -3.20 -15.53
C PHE A 261 -2.99 -2.47 -15.14
N VAL A 262 -4.12 -3.14 -15.34
CA VAL A 262 -5.39 -2.78 -14.74
C VAL A 262 -5.36 -3.44 -13.37
N TYR A 263 -5.11 -2.64 -12.34
CA TYR A 263 -4.95 -3.18 -10.98
C TYR A 263 -6.17 -4.05 -10.56
N GLU A 264 -7.36 -3.56 -10.86
CA GLU A 264 -8.59 -4.26 -10.47
C GLU A 264 -8.60 -5.71 -10.93
N ASN A 265 -7.98 -5.99 -12.07
CA ASN A 265 -8.00 -7.32 -12.64
C ASN A 265 -6.97 -8.24 -12.04
N ILE A 266 -5.98 -7.72 -11.33
CA ILE A 266 -4.96 -8.63 -10.73
C ILE A 266 -5.08 -8.68 -9.22
N LYS A 267 -5.93 -7.81 -8.69
CA LYS A 267 -6.13 -7.65 -7.25
C LYS A 267 -6.38 -9.00 -6.52
N ALA A 268 -7.25 -9.83 -7.09
CA ALA A 268 -7.60 -11.14 -6.47
C ALA A 268 -6.41 -12.06 -6.25
N TYR A 269 -5.30 -11.77 -6.94
CA TYR A 269 -4.15 -12.66 -7.00
C TYR A 269 -2.97 -12.22 -6.13
N ALA A 270 -3.23 -11.26 -5.25
CA ALA A 270 -2.19 -10.71 -4.38
C ALA A 270 -1.45 -11.78 -3.60
N GLU A 271 -2.15 -12.86 -3.28
CA GLU A 271 -1.54 -13.94 -2.50
C GLU A 271 -0.35 -14.54 -3.23
N THR A 272 -0.39 -14.60 -4.56
CA THR A 272 0.71 -15.24 -5.31
C THR A 272 1.52 -14.27 -6.17
N GLY A 273 1.12 -13.01 -6.20
CA GLY A 273 1.90 -11.99 -6.91
C GLY A 273 1.87 -12.10 -8.42
N ILE A 274 2.76 -11.35 -9.06
CA ILE A 274 2.89 -11.33 -10.50
C ILE A 274 4.22 -11.94 -10.89
N THR A 275 4.24 -12.59 -12.04
CA THR A 275 5.45 -13.16 -12.61
C THR A 275 5.49 -12.77 -14.07
N LEU A 276 6.62 -12.21 -14.48
CA LEU A 276 6.85 -11.84 -15.86
C LEU A 276 7.91 -12.75 -16.42
N ASN A 277 7.60 -13.38 -17.55
CA ASN A 277 8.56 -14.20 -18.28
C ASN A 277 8.68 -13.61 -19.68
N TYR A 278 9.91 -13.27 -20.04
CA TYR A 278 10.19 -12.67 -21.34
C TYR A 278 11.66 -12.94 -21.70
N GLN A 279 12.03 -12.57 -22.93
CA GLN A 279 13.35 -12.90 -23.49
C GLN A 279 13.93 -11.78 -24.33
N ALA A 280 15.25 -11.88 -24.51
CA ALA A 280 15.98 -11.03 -25.45
C ALA A 280 17.15 -11.79 -26.07
N THR A 281 17.66 -11.28 -27.18
CA THR A 281 18.84 -11.89 -27.81
C THR A 281 19.98 -10.88 -27.94
N LEU A 282 21.14 -11.25 -27.38
CA LEU A 282 22.36 -10.45 -27.53
C LEU A 282 22.62 -10.17 -29.01
N ASN A 283 22.63 -8.88 -29.36
CA ASN A 283 22.85 -8.46 -30.74
C ASN A 283 24.30 -8.02 -30.96
N LYS A 284 24.58 -7.53 -32.16
CA LYS A 284 25.93 -7.18 -32.59
C LYS A 284 26.62 -6.20 -31.62
N ASP A 285 25.85 -5.28 -31.03
CA ASP A 285 26.42 -4.21 -30.19
C ASP A 285 26.83 -4.69 -28.79
N ALA A 286 26.75 -5.99 -28.53
CA ALA A 286 27.15 -6.55 -27.24
C ALA A 286 28.47 -5.97 -26.74
N VAL A 287 28.56 -5.77 -25.43
CA VAL A 287 29.72 -5.14 -24.80
C VAL A 287 30.67 -6.23 -24.29
N ILE A 288 31.94 -6.16 -24.71
CA ILE A 288 32.98 -7.07 -24.22
C ILE A 288 33.66 -6.47 -22.99
N GLY A 295 28.56 -4.47 -18.89
CA GLY A 295 27.77 -5.61 -19.38
C GLY A 295 26.52 -5.22 -20.17
N ASN A 296 25.66 -6.20 -20.45
CA ASN A 296 24.40 -5.94 -21.15
C ASN A 296 23.26 -6.10 -20.14
N THR A 297 22.71 -4.97 -19.74
CA THR A 297 21.90 -4.90 -18.53
C THR A 297 20.42 -4.91 -18.86
N ASN A 298 19.67 -5.66 -18.05
CA ASN A 298 18.20 -5.52 -17.99
C ASN A 298 17.80 -4.91 -16.65
N ASN A 299 17.25 -3.70 -16.73
CA ASN A 299 16.71 -2.98 -15.59
C ASN A 299 15.21 -3.11 -15.60
N ILE A 300 14.64 -3.30 -14.41
CA ILE A 300 13.20 -3.27 -14.20
C ILE A 300 12.86 -2.31 -13.05
N GLN A 301 11.80 -1.57 -13.27
CA GLN A 301 11.24 -0.62 -12.33
C GLN A 301 9.74 -0.90 -12.22
N LEU A 302 9.23 -0.92 -11.00
CA LEU A 302 7.79 -1.03 -10.75
C LEU A 302 7.34 0.26 -10.06
N ASP A 303 6.41 0.98 -10.67
CA ASP A 303 5.79 2.13 -10.04
C ASP A 303 4.38 1.74 -9.58
N TYR A 304 4.09 2.04 -8.33
CA TYR A 304 2.84 1.65 -7.72
C TYR A 304 2.33 2.72 -6.81
N THR A 305 1.00 2.78 -6.69
CA THR A 305 0.37 3.70 -5.77
C THR A 305 0.86 3.47 -4.33
N ASN A 306 1.20 4.55 -3.63
CA ASN A 306 1.49 4.45 -2.20
C ASN A 306 0.17 4.67 -1.45
N ASN A 307 -0.22 5.93 -1.33
CA ASN A 307 -1.44 6.34 -0.69
C ASN A 307 -2.54 6.62 -1.72
N PRO A 308 -3.52 5.71 -1.82
CA PRO A 308 -4.51 5.82 -2.88
C PRO A 308 -5.49 6.98 -2.73
N HIS A 309 -5.50 7.65 -1.59
CA HIS A 309 -6.38 8.79 -1.40
C HIS A 309 -5.67 10.13 -1.45
N VAL A 310 -4.47 10.17 -2.04
CA VAL A 310 -3.82 11.45 -2.30
C VAL A 310 -3.33 11.42 -3.73
N LYS A 311 -3.41 12.54 -4.42
CA LYS A 311 -2.97 12.59 -5.81
C LYS A 311 -1.45 12.49 -5.87
N ASP A 312 -0.93 11.85 -6.91
CA ASP A 312 0.51 11.81 -7.20
C ASP A 312 1.32 11.17 -6.07
N SER A 313 0.73 10.19 -5.39
CA SER A 313 1.41 9.46 -4.34
C SER A 313 1.76 8.08 -4.86
N TYR A 314 3.02 7.93 -5.26
CA TYR A 314 3.57 6.72 -5.86
C TYR A 314 4.93 6.36 -5.24
N LYS A 315 5.23 5.07 -5.21
CA LYS A 315 6.58 4.59 -4.94
C LYS A 315 7.12 3.80 -6.11
N LYS A 316 8.41 3.48 -6.01
CA LYS A 316 9.11 2.78 -7.05
C LYS A 316 10.00 1.71 -6.43
N LEU A 317 9.95 0.51 -7.01
CA LEU A 317 10.95 -0.53 -6.75
C LEU A 317 11.78 -0.78 -8.00
N THR A 318 13.05 -1.12 -7.83
CA THR A 318 13.91 -1.42 -8.98
C THR A 318 14.77 -2.64 -8.74
N ASP A 319 15.22 -3.23 -9.84
CA ASP A 319 16.20 -4.31 -9.79
C ASP A 319 16.89 -4.36 -11.12
N LYS A 320 17.95 -5.16 -11.21
CA LYS A 320 18.73 -5.27 -12.45
C LYS A 320 19.54 -6.54 -12.49
N VAL A 321 19.83 -6.97 -13.70
CA VAL A 321 20.67 -8.10 -13.98
C VAL A 321 21.59 -7.72 -15.14
N THR A 322 22.67 -8.48 -15.30
CA THR A 322 23.66 -8.19 -16.35
C THR A 322 24.16 -9.44 -17.04
N THR A 323 24.22 -9.39 -18.37
CA THR A 323 24.72 -10.48 -19.19
C THR A 323 25.97 -10.04 -19.93
N TYR A 324 27.04 -10.83 -19.77
CA TYR A 324 28.36 -10.51 -20.30
C TYR A 324 28.71 -11.39 -21.48
N THR A 325 29.63 -10.88 -22.30
CA THR A 325 30.12 -11.57 -23.50
C THR A 325 31.67 -11.63 -23.52
#